data_5LWA
#
_entry.id   5LWA
#
_cell.length_a   132.722
_cell.length_b   39.677
_cell.length_c   72.699
_cell.angle_alpha   90.00
_cell.angle_beta   121.97
_cell.angle_gamma   90.00
#
_symmetry.space_group_name_H-M   'C 1 2 1'
#
loop_
_entity.id
_entity.type
_entity.pdbx_description
1 polymer 'RNA replicase polyprotein'
2 water water
#
_entity_poly.entity_id   1
_entity_poly.type   'polypeptide(L)'
_entity_poly.pdbx_seq_one_letter_code
;HHHHHHGSSQLLPAPLTNDPTAIGPVLPFEELHPRRYPENTATFLTRLRSLPSNHLPQPTLNCLLSAVSDQTKVSEEHLW
ESLQTILPDSQLSNEETNTLGLSTEHLTALAHLYNFQATVYSDRGPALFGPSDTIKRIDITHTTGPPSHFSPGKRLLGS
;
_entity_poly.pdbx_strand_id   A,B
#
# COMPACT_ATOMS: atom_id res chain seq x y z
N GLN A 10 -19.65 -9.69 8.93
CA GLN A 10 -20.47 -8.68 8.27
C GLN A 10 -21.43 -7.99 9.24
N LEU A 11 -22.01 -8.75 10.15
CA LEU A 11 -22.92 -8.18 11.15
C LEU A 11 -22.14 -7.39 12.19
N LEU A 12 -22.81 -6.40 12.80
CA LEU A 12 -22.10 -5.51 13.71
C LEU A 12 -21.93 -6.16 15.08
N PRO A 13 -20.71 -6.25 15.60
CA PRO A 13 -20.51 -6.90 16.91
C PRO A 13 -20.85 -5.94 18.04
N ALA A 14 -21.75 -6.36 18.92
CA ALA A 14 -22.20 -5.48 20.00
C ALA A 14 -21.05 -4.98 20.88
N PRO A 15 -20.07 -5.80 21.28
CA PRO A 15 -19.00 -5.24 22.13
C PRO A 15 -18.22 -4.14 21.46
N LEU A 16 -18.08 -4.20 20.14
CA LEU A 16 -17.34 -3.18 19.41
C LEU A 16 -18.12 -1.87 19.38
N THR A 17 -19.42 -1.94 19.07
CA THR A 17 -20.19 -0.71 19.05
C THR A 17 -20.34 -0.12 20.44
N ASN A 18 -20.22 -0.93 21.50
CA ASN A 18 -20.31 -0.45 22.87
C ASN A 18 -18.99 0.05 23.44
N ASP A 19 -17.89 -0.13 22.73
CA ASP A 19 -16.55 0.09 23.27
C ASP A 19 -16.22 1.57 23.39
N PRO A 20 -16.11 2.12 24.59
CA PRO A 20 -15.85 3.55 24.73
C PRO A 20 -14.41 3.95 24.48
N THR A 21 -13.52 3.00 24.21
CA THR A 21 -12.20 3.39 23.73
C THR A 21 -12.22 3.78 22.26
N ALA A 22 -13.32 3.53 21.56
CA ALA A 22 -13.43 3.79 20.13
C ALA A 22 -14.46 4.88 19.86
N ILE A 23 -14.38 5.43 18.65
CA ILE A 23 -15.38 6.38 18.19
C ILE A 23 -15.81 6.02 16.77
N GLY A 24 -16.97 6.57 16.39
CA GLY A 24 -17.39 6.54 15.01
C GLY A 24 -18.01 5.23 14.59
N PRO A 25 -18.16 5.05 13.28
CA PRO A 25 -18.89 3.89 12.77
C PRO A 25 -18.02 2.63 12.68
N VAL A 26 -18.70 1.49 12.62
CA VAL A 26 -18.02 0.23 12.38
C VAL A 26 -17.67 0.13 10.92
N LEU A 27 -16.39 -0.10 10.60
CA LEU A 27 -15.94 -0.16 9.22
C LEU A 27 -14.84 -1.21 9.10
N PRO A 28 -14.62 -1.72 7.89
CA PRO A 28 -13.45 -2.59 7.67
C PRO A 28 -12.16 -1.88 8.05
N PHE A 29 -11.24 -2.66 8.61
CA PHE A 29 -9.94 -2.14 9.01
C PHE A 29 -9.27 -1.39 7.86
N GLU A 30 -9.33 -1.94 6.64
CA GLU A 30 -8.66 -1.26 5.53
C GLU A 30 -9.35 0.03 5.11
N GLU A 31 -10.63 0.22 5.45
CA GLU A 31 -11.25 1.52 5.15
C GLU A 31 -10.81 2.56 6.18
N LEU A 32 -10.67 2.14 7.43
CA LEU A 32 -10.25 3.08 8.46
C LEU A 32 -8.77 3.35 8.43
N HIS A 33 -7.96 2.40 7.93
CA HIS A 33 -6.50 2.50 7.96
C HIS A 33 -5.97 2.07 6.61
N PRO A 34 -6.13 2.92 5.59
CA PRO A 34 -5.83 2.51 4.21
C PRO A 34 -4.35 2.23 4.00
N ARG A 35 -4.07 1.06 3.43
CA ARG A 35 -2.75 0.60 3.01
C ARG A 35 -2.98 -0.34 1.83
N ARG A 36 -1.88 -0.82 1.23
CA ARG A 36 -2.01 -1.83 0.17
C ARG A 36 -1.99 -3.23 0.79
N TYR A 37 -3.12 -3.59 1.42
CA TYR A 37 -3.21 -4.90 2.05
C TYR A 37 -3.49 -5.97 1.01
N PRO A 38 -3.00 -7.19 1.22
CA PRO A 38 -3.42 -8.30 0.38
C PRO A 38 -4.93 -8.49 0.47
N GLU A 39 -5.53 -8.92 -0.65
CA GLU A 39 -6.98 -8.99 -0.73
C GLU A 39 -7.55 -9.87 0.39
N ASN A 40 -8.69 -9.43 0.94
CA ASN A 40 -9.46 -10.18 1.93
C ASN A 40 -8.69 -10.46 3.23
N THR A 41 -7.69 -9.64 3.56
CA THR A 41 -7.03 -9.80 4.86
C THR A 41 -7.33 -8.66 5.82
N ALA A 42 -7.74 -7.51 5.34
CA ALA A 42 -7.98 -6.36 6.20
C ALA A 42 -9.44 -5.91 6.12
N THR A 43 -10.32 -6.84 5.80
CA THR A 43 -11.74 -6.54 5.70
C THR A 43 -12.46 -6.67 7.03
N PHE A 44 -11.79 -7.16 8.07
CA PHE A 44 -12.45 -7.37 9.35
C PHE A 44 -12.91 -6.04 9.95
N LEU A 45 -14.07 -6.08 10.59
CA LEU A 45 -14.70 -4.87 11.11
C LEU A 45 -13.99 -4.39 12.35
N THR A 46 -13.87 -3.06 12.46
CA THR A 46 -13.32 -2.44 13.65
C THR A 46 -13.94 -1.04 13.77
N ARG A 47 -13.43 -0.27 14.73
CA ARG A 47 -13.77 1.14 14.88
C ARG A 47 -12.48 1.89 15.14
N LEU A 48 -12.50 3.19 14.86
CA LEU A 48 -11.34 4.02 15.12
C LEU A 48 -11.05 4.05 16.62
N ARG A 49 -9.80 3.78 16.99
CA ARG A 49 -9.37 3.87 18.38
C ARG A 49 -9.03 5.30 18.71
N SER A 50 -9.66 5.83 19.76
CA SER A 50 -9.53 7.24 20.13
C SER A 50 -8.94 7.44 21.51
N LEU A 51 -9.37 6.67 22.49
CA LEU A 51 -8.87 6.86 23.84
C LEU A 51 -7.42 6.39 23.92
N PRO A 52 -6.57 7.10 24.66
CA PRO A 52 -5.18 6.63 24.80
C PRO A 52 -5.15 5.29 25.51
N SER A 53 -3.97 4.68 25.50
CA SER A 53 -3.80 3.32 26.01
C SER A 53 -4.20 3.22 27.48
N ASN A 54 -4.94 2.16 27.80
CA ASN A 54 -5.21 1.77 29.18
C ASN A 54 -4.15 0.85 29.74
N HIS A 55 -3.10 0.55 28.97
CA HIS A 55 -2.01 -0.30 29.42
C HIS A 55 -2.53 -1.67 29.86
N LEU A 56 -3.23 -2.31 28.93
CA LEU A 56 -3.70 -3.67 29.18
C LEU A 56 -2.53 -4.57 29.52
N PRO A 57 -2.69 -5.49 30.47
CA PRO A 57 -1.63 -6.48 30.71
C PRO A 57 -1.36 -7.26 29.44
N GLN A 58 -0.12 -7.73 29.31
CA GLN A 58 0.22 -8.53 28.15
C GLN A 58 -0.67 -9.76 28.10
N PRO A 59 -1.02 -10.23 26.91
CA PRO A 59 -1.86 -11.43 26.83
C PRO A 59 -1.10 -12.65 27.31
N THR A 60 -1.82 -13.54 27.99
CA THR A 60 -1.21 -14.80 28.42
C THR A 60 -0.76 -15.63 27.23
N LEU A 61 -1.60 -15.70 26.19
CA LEU A 61 -1.25 -16.41 24.95
C LEU A 61 -0.59 -15.41 24.01
N ASN A 62 0.71 -15.21 24.22
CA ASN A 62 1.43 -14.13 23.59
C ASN A 62 2.28 -14.57 22.41
N CYS A 63 2.07 -15.77 21.88
CA CYS A 63 3.01 -16.32 20.91
C CYS A 63 3.07 -15.48 19.64
N LEU A 64 1.98 -14.82 19.25
CA LEU A 64 2.07 -13.92 18.10
C LEU A 64 3.03 -12.78 18.39
N LEU A 65 2.95 -12.19 19.57
CA LEU A 65 3.88 -11.12 19.91
C LEU A 65 5.31 -11.64 19.97
N SER A 66 5.52 -12.81 20.59
CA SER A 66 6.86 -13.38 20.63
C SER A 66 7.42 -13.59 19.22
N ALA A 67 6.60 -14.09 18.32
CA ALA A 67 7.06 -14.37 16.96
C ALA A 67 7.41 -13.09 16.21
N VAL A 68 6.51 -12.09 16.26
CA VAL A 68 6.77 -10.83 15.58
C VAL A 68 7.96 -10.12 16.22
N SER A 69 8.05 -10.15 17.56
CA SER A 69 9.18 -9.55 18.25
C SER A 69 10.51 -10.13 17.77
N ASP A 70 10.57 -11.47 17.65
CA ASP A 70 11.80 -12.10 17.19
C ASP A 70 12.18 -11.60 15.80
N GLN A 71 11.19 -11.42 14.92
CA GLN A 71 11.45 -11.08 13.53
C GLN A 71 11.70 -9.60 13.30
N THR A 72 11.23 -8.73 14.21
CA THR A 72 11.35 -7.28 14.06
C THR A 72 12.30 -6.63 15.04
N LYS A 73 12.68 -7.34 16.11
CA LYS A 73 13.47 -6.78 17.21
C LYS A 73 12.74 -5.65 17.92
N VAL A 74 11.41 -5.65 17.85
CA VAL A 74 10.56 -4.77 18.66
C VAL A 74 10.09 -5.57 19.86
N SER A 75 10.17 -4.99 21.05
CA SER A 75 9.78 -5.72 22.24
C SER A 75 8.30 -6.06 22.20
N GLU A 76 7.94 -7.16 22.88
CA GLU A 76 6.52 -7.52 22.96
C GLU A 76 5.69 -6.44 23.62
N GLU A 77 6.29 -5.71 24.57
CA GLU A 77 5.56 -4.64 25.24
C GLU A 77 5.25 -3.52 24.26
N HIS A 78 6.20 -3.18 23.39
CA HIS A 78 5.97 -2.11 22.43
C HIS A 78 4.98 -2.54 21.35
N LEU A 79 5.06 -3.80 20.92
CA LEU A 79 4.07 -4.31 19.98
C LEU A 79 2.67 -4.23 20.57
N TRP A 80 2.53 -4.60 21.84
CA TRP A 80 1.22 -4.61 22.50
C TRP A 80 0.70 -3.20 22.72
N GLU A 81 1.57 -2.29 23.16
CA GLU A 81 1.15 -0.89 23.28
C GLU A 81 0.78 -0.32 21.93
N SER A 82 1.48 -0.73 20.87
CA SER A 82 1.10 -0.26 19.54
C SER A 82 -0.28 -0.75 19.15
N LEU A 83 -0.60 -2.02 19.44
CA LEU A 83 -1.94 -2.51 19.17
C LEU A 83 -3.00 -1.68 19.90
N GLN A 84 -2.69 -1.21 21.09
CA GLN A 84 -3.66 -0.38 21.81
C GLN A 84 -3.78 1.02 21.23
N THR A 85 -2.86 1.42 20.34
CA THR A 85 -3.02 2.70 19.65
CA THR A 85 -2.98 2.69 19.64
C THR A 85 -3.96 2.60 18.46
N ILE A 86 -4.19 1.41 17.91
CA ILE A 86 -4.96 1.31 16.69
CA ILE A 86 -4.92 1.24 16.67
C ILE A 86 -6.22 0.48 16.85
N LEU A 87 -6.29 -0.44 17.83
CA LEU A 87 -7.52 -1.21 17.98
C LEU A 87 -8.25 -0.86 19.26
N PRO A 88 -9.58 -0.88 19.24
CA PRO A 88 -10.35 -0.76 20.48
C PRO A 88 -10.02 -1.88 21.44
N ASP A 89 -10.15 -1.60 22.74
CA ASP A 89 -9.79 -2.62 23.74
C ASP A 89 -10.62 -3.89 23.58
N SER A 90 -11.88 -3.77 23.14
CA SER A 90 -12.73 -4.96 23.02
C SER A 90 -12.19 -5.95 21.99
N GLN A 91 -11.29 -5.50 21.12
CA GLN A 91 -10.69 -6.37 20.12
C GLN A 91 -9.31 -6.86 20.54
N LEU A 92 -8.87 -6.50 21.74
CA LEU A 92 -7.57 -6.91 22.26
C LEU A 92 -7.70 -7.83 23.47
N SER A 93 -8.68 -7.58 24.32
CA SER A 93 -8.92 -8.41 25.50
C SER A 93 -10.38 -8.86 25.47
N ASN A 94 -10.59 -10.12 25.11
CA ASN A 94 -11.93 -10.66 25.02
C ASN A 94 -11.83 -12.18 25.21
N GLU A 95 -12.97 -12.86 25.15
CA GLU A 95 -12.96 -14.31 25.35
C GLU A 95 -12.12 -15.02 24.30
N GLU A 96 -12.11 -14.52 23.06
CA GLU A 96 -11.33 -15.18 22.02
C GLU A 96 -9.83 -15.06 22.27
N THR A 97 -9.35 -13.85 22.57
CA THR A 97 -7.91 -13.70 22.77
C THR A 97 -7.44 -14.40 24.03
N ASN A 98 -8.29 -14.48 25.05
CA ASN A 98 -7.87 -15.17 26.26
C ASN A 98 -7.89 -16.69 26.13
N THR A 99 -8.63 -17.24 25.17
CA THR A 99 -8.69 -18.68 25.00
C THR A 99 -8.01 -19.18 23.73
N LEU A 100 -7.94 -18.37 22.67
CA LEU A 100 -7.28 -18.78 21.45
C LEU A 100 -6.01 -18.01 21.13
N GLY A 101 -5.79 -16.88 21.78
CA GLY A 101 -4.64 -16.05 21.47
C GLY A 101 -4.99 -14.98 20.45
N LEU A 102 -3.97 -14.22 20.08
CA LEU A 102 -4.13 -13.25 19.01
C LEU A 102 -4.18 -13.95 17.65
N SER A 103 -4.66 -13.23 16.65
CA SER A 103 -4.98 -13.82 15.36
C SER A 103 -4.23 -13.10 14.25
N THR A 104 -4.41 -13.59 13.01
CA THR A 104 -3.79 -12.90 11.88
C THR A 104 -4.38 -11.52 11.67
N GLU A 105 -5.55 -11.23 12.24
CA GLU A 105 -6.07 -9.86 12.19
CA GLU A 105 -6.06 -9.86 12.19
C GLU A 105 -5.21 -8.92 13.04
N HIS A 106 -4.79 -9.37 14.21
CA HIS A 106 -3.83 -8.59 14.99
C HIS A 106 -2.51 -8.46 14.27
N LEU A 107 -2.11 -9.50 13.51
CA LEU A 107 -0.88 -9.42 12.75
C LEU A 107 -0.96 -8.32 11.70
N THR A 108 -2.09 -8.27 10.98
CA THR A 108 -2.34 -7.20 10.03
C THR A 108 -2.24 -5.82 10.69
N ALA A 109 -2.82 -5.66 11.88
CA ALA A 109 -2.73 -4.38 12.58
C ALA A 109 -1.28 -4.05 12.91
N LEU A 110 -0.54 -5.03 13.46
CA LEU A 110 0.88 -4.83 13.73
C LEU A 110 1.65 -4.47 12.47
N ALA A 111 1.30 -5.12 11.35
CA ALA A 111 2.01 -4.89 10.11
C ALA A 111 1.82 -3.47 9.61
N HIS A 112 0.64 -2.90 9.83
CA HIS A 112 0.45 -1.48 9.55
C HIS A 112 1.28 -0.62 10.49
N LEU A 113 1.21 -0.92 11.79
CA LEU A 113 1.87 -0.10 12.81
C LEU A 113 3.38 -0.13 12.69
N TYR A 114 3.96 -1.23 12.18
CA TYR A 114 5.41 -1.35 12.05
C TYR A 114 5.86 -1.53 10.61
N ASN A 115 4.99 -1.24 9.64
CA ASN A 115 5.33 -1.21 8.22
C ASN A 115 6.10 -2.46 7.77
N PHE A 116 5.45 -3.61 7.91
CA PHE A 116 6.04 -4.83 7.37
C PHE A 116 4.97 -5.65 6.65
N GLN A 117 5.43 -6.56 5.81
CA GLN A 117 4.56 -7.60 5.29
C GLN A 117 5.09 -8.93 5.77
N ALA A 118 4.21 -9.74 6.36
CA ALA A 118 4.55 -11.06 6.86
C ALA A 118 4.15 -12.13 5.86
N THR A 119 5.00 -13.13 5.70
CA THR A 119 4.60 -14.39 5.10
C THR A 119 4.30 -15.35 6.25
N VAL A 120 3.04 -15.78 6.35
CA VAL A 120 2.61 -16.73 7.37
C VAL A 120 2.56 -18.12 6.74
N TYR A 121 3.41 -19.02 7.24
CA TYR A 121 3.48 -20.41 6.76
C TYR A 121 2.51 -21.24 7.59
N SER A 122 1.27 -21.36 7.11
CA SER A 122 0.23 -22.05 7.83
C SER A 122 0.20 -23.52 7.43
N ASP A 123 -0.66 -24.31 8.08
CA ASP A 123 -0.80 -25.72 7.71
C ASP A 123 -1.36 -25.87 6.30
N ARG A 124 -2.05 -24.86 5.78
CA ARG A 124 -2.58 -24.90 4.43
C ARG A 124 -1.68 -24.19 3.42
N GLY A 125 -0.52 -23.70 3.84
CA GLY A 125 0.43 -23.09 2.93
C GLY A 125 0.71 -21.64 3.30
N PRO A 126 1.56 -20.98 2.53
CA PRO A 126 1.93 -19.60 2.86
C PRO A 126 0.88 -18.60 2.42
N ALA A 127 0.83 -17.50 3.17
CA ALA A 127 -0.10 -16.42 2.86
C ALA A 127 0.48 -15.10 3.36
N LEU A 128 0.17 -14.03 2.66
CA LEU A 128 0.72 -12.72 2.96
C LEU A 128 -0.23 -11.95 3.87
N PHE A 129 0.34 -11.28 4.87
CA PHE A 129 -0.41 -10.42 5.77
C PHE A 129 0.37 -9.13 5.97
N GLY A 130 -0.32 -8.00 5.81
CA GLY A 130 0.27 -6.70 6.03
C GLY A 130 0.48 -5.93 4.75
N PRO A 131 0.66 -4.62 4.86
CA PRO A 131 0.73 -3.76 3.66
C PRO A 131 1.92 -4.10 2.77
N SER A 132 1.70 -4.03 1.46
CA SER A 132 2.80 -4.18 0.50
C SER A 132 3.64 -2.92 0.38
N ASP A 133 3.09 -1.76 0.73
CA ASP A 133 3.81 -0.48 0.63
C ASP A 133 4.68 -0.35 1.87
N THR A 134 5.66 -1.24 1.95
CA THR A 134 6.52 -1.43 3.10
C THR A 134 7.86 -1.96 2.59
N ILE A 135 8.90 -1.77 3.40
CA ILE A 135 10.22 -2.30 3.07
C ILE A 135 10.50 -3.59 3.83
N LYS A 136 10.15 -3.62 5.11
CA LYS A 136 10.48 -4.72 5.99
C LYS A 136 9.64 -5.95 5.68
N ARG A 137 10.28 -7.12 5.66
CA ARG A 137 9.61 -8.38 5.44
C ARG A 137 9.93 -9.32 6.59
N ILE A 138 8.93 -10.07 7.05
CA ILE A 138 9.15 -11.05 8.12
C ILE A 138 8.49 -12.38 7.74
N ASP A 139 8.92 -13.43 8.45
CA ASP A 139 8.43 -14.80 8.27
C ASP A 139 7.86 -15.28 9.59
N ILE A 140 6.65 -15.83 9.53
CA ILE A 140 5.94 -16.34 10.70
C ILE A 140 5.39 -17.71 10.35
N THR A 141 5.47 -18.64 11.30
CA THR A 141 4.91 -19.97 11.15
C THR A 141 3.65 -20.08 12.01
N HIS A 142 2.59 -20.65 11.44
CA HIS A 142 1.35 -20.87 12.15
C HIS A 142 0.94 -22.33 12.00
N THR A 143 0.65 -22.97 13.14
CA THR A 143 0.08 -24.30 13.14
C THR A 143 -1.30 -24.25 13.78
N THR A 144 -2.24 -25.01 13.19
CA THR A 144 -3.61 -24.98 13.66
C THR A 144 -3.80 -25.80 14.93
N GLY A 145 -3.05 -26.88 15.08
CA GLY A 145 -3.16 -27.72 16.26
C GLY A 145 -4.45 -28.51 16.30
N PRO A 146 -5.37 -28.15 17.22
CA PRO A 146 -5.23 -27.13 18.27
C PRO A 146 -4.20 -27.49 19.34
N PRO A 147 -3.66 -26.49 20.07
CA PRO A 147 -4.01 -25.07 19.94
C PRO A 147 -3.31 -24.36 18.80
N SER A 148 -3.91 -23.25 18.35
CA SER A 148 -3.25 -22.37 17.40
C SER A 148 -1.94 -21.85 18.00
N HIS A 149 -0.86 -21.97 17.23
CA HIS A 149 0.44 -21.52 17.69
C HIS A 149 1.18 -20.77 16.59
N PHE A 150 1.64 -19.56 16.90
CA PHE A 150 2.51 -18.78 16.05
C PHE A 150 3.96 -18.94 16.51
N SER A 151 4.88 -19.04 15.56
CA SER A 151 6.30 -19.08 15.86
C SER A 151 7.05 -18.25 14.83
N PRO A 152 8.23 -17.73 15.17
CA PRO A 152 8.97 -16.91 14.22
C PRO A 152 9.72 -17.72 13.18
N GLY A 153 9.87 -17.16 12.00
CA GLY A 153 10.62 -17.82 10.94
C GLY A 153 9.78 -18.75 10.09
N LYS A 154 10.46 -19.47 9.20
CA LYS A 154 9.80 -20.40 8.30
C LYS A 154 9.62 -21.76 8.96
N ARG A 155 8.75 -22.58 8.37
CA ARG A 155 8.56 -23.96 8.83
C ARG A 155 9.80 -24.76 8.47
N LEU A 156 10.55 -25.19 9.49
CA LEU A 156 11.69 -26.06 9.29
C LEU A 156 11.30 -27.48 9.68
N LEU A 157 12.32 -28.34 9.85
CA LEU A 157 12.20 -29.80 10.01
C LEU A 157 12.02 -30.48 8.66
N LEU B 12 -10.81 12.33 -2.16
CA LEU B 12 -9.89 13.45 -2.29
C LEU B 12 -8.72 13.31 -1.32
N PRO B 13 -7.59 12.78 -1.82
CA PRO B 13 -6.44 12.55 -0.96
C PRO B 13 -5.99 13.80 -0.21
N ALA B 14 -5.47 13.59 1.00
CA ALA B 14 -5.10 14.65 1.93
C ALA B 14 -3.75 15.29 1.62
N PRO B 15 -2.69 14.54 1.31
CA PRO B 15 -1.45 15.20 0.89
C PRO B 15 -1.61 16.01 -0.38
N LEU B 16 -2.50 15.60 -1.28
CA LEU B 16 -2.71 16.32 -2.52
C LEU B 16 -3.33 17.69 -2.26
N THR B 17 -4.35 17.75 -1.39
CA THR B 17 -5.00 19.01 -1.10
C THR B 17 -4.12 19.94 -0.27
N ASN B 18 -3.11 19.42 0.41
CA ASN B 18 -2.21 20.20 1.23
C ASN B 18 -0.87 20.46 0.54
N ASP B 19 -0.74 20.05 -0.70
CA ASP B 19 0.50 20.15 -1.45
C ASP B 19 0.67 21.57 -1.98
N PRO B 20 1.71 22.31 -1.59
CA PRO B 20 1.86 23.68 -2.11
C PRO B 20 2.29 23.73 -3.57
N THR B 21 2.77 22.63 -4.14
CA THR B 21 3.04 22.59 -5.58
C THR B 21 1.79 22.35 -6.39
N ALA B 22 0.62 22.28 -5.77
CA ALA B 22 -0.64 22.02 -6.44
C ALA B 22 -1.53 23.24 -6.32
N ILE B 23 -2.45 23.37 -7.28
CA ILE B 23 -3.36 24.51 -7.29
C ILE B 23 -4.66 24.08 -7.92
N GLY B 24 -5.75 24.74 -7.53
CA GLY B 24 -7.04 24.48 -8.12
C GLY B 24 -7.69 23.22 -7.59
N PRO B 25 -8.82 22.85 -8.19
CA PRO B 25 -9.59 21.72 -7.65
C PRO B 25 -8.95 20.38 -7.95
N VAL B 26 -9.32 19.39 -7.14
CA VAL B 26 -8.99 18.00 -7.40
C VAL B 26 -9.89 17.49 -8.52
N LEU B 27 -9.29 17.04 -9.61
CA LEU B 27 -10.02 16.62 -10.79
C LEU B 27 -9.32 15.45 -11.47
N PRO B 28 -10.07 14.62 -12.21
CA PRO B 28 -9.42 13.57 -13.00
C PRO B 28 -8.36 14.16 -13.92
N PHE B 29 -7.27 13.41 -14.08
CA PHE B 29 -6.20 13.83 -14.96
C PHE B 29 -6.73 14.22 -16.33
N GLU B 30 -7.65 13.41 -16.87
CA GLU B 30 -8.18 13.65 -18.21
C GLU B 30 -9.05 14.90 -18.27
N GLU B 31 -9.65 15.31 -17.16
CA GLU B 31 -10.41 16.57 -17.17
C GLU B 31 -9.49 17.77 -17.13
N LEU B 32 -8.25 17.58 -16.66
CA LEU B 32 -7.28 18.67 -16.61
CA LEU B 32 -7.22 18.60 -16.56
C LEU B 32 -6.34 18.67 -17.80
N HIS B 33 -6.05 17.52 -18.40
CA HIS B 33 -5.14 17.41 -19.53
C HIS B 33 -5.85 16.56 -20.58
N PRO B 34 -6.85 17.13 -21.26
CA PRO B 34 -7.74 16.31 -22.10
C PRO B 34 -7.02 15.73 -23.31
N ARG B 35 -7.18 14.42 -23.50
CA ARG B 35 -6.68 13.69 -24.66
C ARG B 35 -7.62 12.51 -24.90
N ARG B 36 -7.30 11.72 -25.92
CA ARG B 36 -8.06 10.50 -26.20
C ARG B 36 -7.42 9.33 -25.46
N TYR B 37 -7.63 9.31 -24.16
CA TYR B 37 -7.08 8.28 -23.29
C TYR B 37 -7.92 7.00 -23.39
N PRO B 38 -7.30 5.82 -23.31
CA PRO B 38 -8.10 4.59 -23.22
C PRO B 38 -8.97 4.64 -21.97
N GLU B 39 -10.09 3.94 -22.02
CA GLU B 39 -11.10 4.02 -20.97
C GLU B 39 -10.49 3.73 -19.60
N ASN B 40 -10.78 4.62 -18.65
CA ASN B 40 -10.47 4.41 -17.24
C ASN B 40 -8.97 4.32 -16.97
N THR B 41 -8.15 4.96 -17.79
CA THR B 41 -6.73 5.09 -17.46
C THR B 41 -6.32 6.49 -17.06
N ALA B 42 -7.15 7.49 -17.35
CA ALA B 42 -6.81 8.87 -17.00
C ALA B 42 -7.84 9.49 -16.07
N THR B 43 -8.60 8.65 -15.36
CA THR B 43 -9.61 9.13 -14.42
C THR B 43 -9.06 9.34 -13.03
N PHE B 44 -7.80 8.96 -12.78
CA PHE B 44 -7.23 9.18 -11.46
C PHE B 44 -7.23 10.67 -11.11
N LEU B 45 -7.44 10.96 -9.83
CA LEU B 45 -7.55 12.33 -9.35
C LEU B 45 -6.18 12.97 -9.21
N THR B 46 -6.09 14.23 -9.61
CA THR B 46 -4.85 14.98 -9.48
C THR B 46 -5.20 16.45 -9.28
N ARG B 47 -4.16 17.29 -9.25
CA ARG B 47 -4.33 18.73 -9.30
C ARG B 47 -3.29 19.29 -10.25
N LEU B 48 -3.59 20.48 -10.79
CA LEU B 48 -2.60 21.15 -11.63
C LEU B 48 -1.33 21.48 -10.84
N ARG B 49 -0.20 21.33 -11.52
CA ARG B 49 1.08 21.74 -10.99
C ARG B 49 1.18 23.26 -11.01
N SER B 50 1.44 23.86 -9.87
CA SER B 50 1.52 25.33 -9.80
C SER B 50 2.95 25.84 -9.80
N LEU B 51 3.86 25.15 -9.14
CA LEU B 51 5.19 25.65 -8.89
C LEU B 51 6.21 24.95 -9.78
N PRO B 52 7.36 25.58 -10.01
CA PRO B 52 8.42 24.91 -10.79
C PRO B 52 8.91 23.65 -10.10
N SER B 53 9.60 22.83 -10.88
CA SER B 53 10.18 21.60 -10.35
C SER B 53 11.09 21.89 -9.17
N ASN B 54 11.07 21.00 -8.18
CA ASN B 54 11.99 21.05 -7.06
C ASN B 54 13.14 20.07 -7.21
N HIS B 55 13.28 19.46 -8.38
CA HIS B 55 14.40 18.58 -8.69
C HIS B 55 14.51 17.44 -7.68
N LEU B 56 13.39 16.74 -7.51
CA LEU B 56 13.35 15.58 -6.64
C LEU B 56 14.36 14.54 -7.10
N PRO B 57 15.00 13.82 -6.18
CA PRO B 57 15.72 12.61 -6.58
C PRO B 57 14.79 11.66 -7.31
N GLN B 58 15.34 10.88 -8.22
CA GLN B 58 14.55 9.85 -8.84
C GLN B 58 14.13 8.83 -7.78
N PRO B 59 12.98 8.18 -7.96
CA PRO B 59 12.62 7.10 -7.03
C PRO B 59 13.67 6.00 -7.10
N THR B 60 13.89 5.35 -5.95
CA THR B 60 14.78 4.20 -5.95
C THR B 60 14.32 3.15 -6.96
N LEU B 61 13.02 2.87 -6.96
CA LEU B 61 12.40 1.98 -7.95
C LEU B 61 11.97 2.81 -9.14
N ASN B 62 12.93 3.04 -10.05
CA ASN B 62 12.72 3.91 -11.20
C ASN B 62 12.64 3.11 -12.49
N CYS B 63 12.29 1.83 -12.41
N CYS B 63 12.32 1.82 -12.36
CA CYS B 63 12.30 0.97 -13.59
CA CYS B 63 12.19 0.90 -13.51
C CYS B 63 11.26 1.40 -14.63
C CYS B 63 11.33 1.48 -14.62
N LEU B 64 10.24 2.16 -14.25
CA LEU B 64 9.36 2.74 -15.26
C LEU B 64 10.11 3.75 -16.13
N LEU B 65 10.91 4.62 -15.48
CA LEU B 65 11.67 5.59 -16.24
C LEU B 65 12.69 4.91 -17.15
N SER B 66 13.37 3.88 -16.65
CA SER B 66 14.31 3.13 -17.49
C SER B 66 13.62 2.54 -18.70
N ALA B 67 12.42 1.99 -18.50
CA ALA B 67 11.75 1.29 -19.60
C ALA B 67 11.31 2.29 -20.66
N VAL B 68 10.67 3.37 -20.24
CA VAL B 68 10.27 4.44 -21.15
C VAL B 68 11.48 5.08 -21.79
N SER B 69 12.58 5.23 -21.04
CA SER B 69 13.79 5.82 -21.60
C SER B 69 14.34 4.99 -22.75
N ASP B 70 14.44 3.66 -22.55
CA ASP B 70 14.94 2.81 -23.62
C ASP B 70 14.07 2.88 -24.86
N GLN B 71 12.76 3.09 -24.68
CA GLN B 71 11.83 3.04 -25.80
C GLN B 71 11.74 4.36 -26.56
N THR B 72 11.94 5.48 -25.86
CA THR B 72 11.76 6.80 -26.42
C THR B 72 13.07 7.53 -26.70
N LYS B 73 14.20 7.01 -26.18
CA LYS B 73 15.53 7.61 -26.30
C LYS B 73 15.63 8.94 -25.56
N VAL B 74 14.75 9.17 -24.59
CA VAL B 74 14.82 10.31 -23.69
C VAL B 74 15.42 9.84 -22.38
N SER B 75 16.34 10.61 -21.82
CA SER B 75 17.01 10.20 -20.59
C SER B 75 16.01 10.12 -19.45
N GLU B 76 16.30 9.23 -18.50
CA GLU B 76 15.44 9.10 -17.33
C GLU B 76 15.34 10.41 -16.57
N GLU B 77 16.43 11.18 -16.54
CA GLU B 77 16.40 12.45 -15.82
C GLU B 77 15.45 13.43 -16.50
N HIS B 78 15.45 13.47 -17.84
CA HIS B 78 14.54 14.34 -18.56
C HIS B 78 13.09 13.90 -18.39
N LEU B 79 12.84 12.59 -18.41
CA LEU B 79 11.50 12.09 -18.14
C LEU B 79 11.04 12.51 -16.75
N TRP B 80 11.93 12.38 -15.76
CA TRP B 80 11.57 12.67 -14.38
C TRP B 80 11.32 14.16 -14.17
N GLU B 81 12.15 15.02 -14.77
CA GLU B 81 11.88 16.45 -14.71
C GLU B 81 10.58 16.79 -15.41
N SER B 82 10.31 16.14 -16.55
CA SER B 82 9.03 16.37 -17.22
C SER B 82 7.86 16.02 -16.29
N LEU B 83 7.95 14.91 -15.58
CA LEU B 83 6.89 14.57 -14.64
C LEU B 83 6.71 15.67 -13.61
N GLN B 84 7.80 16.33 -13.21
CA GLN B 84 7.71 17.38 -12.21
C GLN B 84 7.12 18.68 -12.76
N THR B 85 6.88 18.75 -14.07
CA THR B 85 6.19 19.90 -14.64
C THR B 85 4.68 19.70 -14.71
N ILE B 86 4.17 18.49 -14.51
CA ILE B 86 2.74 18.26 -14.70
C ILE B 86 2.07 17.70 -13.44
N LEU B 87 2.84 16.89 -12.61
CA LEU B 87 2.21 16.35 -11.41
C LEU B 87 2.73 17.05 -10.17
N PRO B 88 1.85 17.32 -9.20
CA PRO B 88 2.30 17.83 -7.90
C PRO B 88 3.28 16.87 -7.23
N ASP B 89 4.17 17.44 -6.43
CA ASP B 89 5.19 16.61 -5.75
C ASP B 89 4.57 15.48 -4.95
N SER B 90 3.39 15.71 -4.36
CA SER B 90 2.75 14.71 -3.51
C SER B 90 2.37 13.46 -4.30
N GLN B 91 2.32 13.55 -5.61
CA GLN B 91 2.05 12.40 -6.46
C GLN B 91 3.30 11.83 -7.10
N LEU B 92 4.47 12.40 -6.80
CA LEU B 92 5.74 11.94 -7.35
C LEU B 92 6.66 11.36 -6.30
N SER B 93 6.68 11.95 -5.11
CA SER B 93 7.54 11.48 -4.02
C SER B 93 6.69 11.39 -2.76
N ASN B 94 6.25 10.17 -2.45
CA ASN B 94 5.40 9.94 -1.30
C ASN B 94 5.71 8.53 -0.79
N GLU B 95 4.99 8.12 0.25
CA GLU B 95 5.30 6.85 0.89
C GLU B 95 5.05 5.68 -0.06
N GLU B 96 4.09 5.84 -0.98
CA GLU B 96 3.83 4.77 -1.93
C GLU B 96 4.89 4.71 -3.03
N THR B 97 5.23 5.84 -3.67
CA THR B 97 6.23 5.75 -4.73
C THR B 97 7.59 5.35 -4.17
N ASN B 98 7.89 5.73 -2.94
CA ASN B 98 9.18 5.45 -2.35
C ASN B 98 9.22 4.10 -1.64
N THR B 99 8.14 3.31 -1.69
CA THR B 99 8.19 1.90 -1.33
C THR B 99 7.79 0.96 -2.47
N LEU B 100 6.98 1.43 -3.42
CA LEU B 100 6.44 0.59 -4.48
C LEU B 100 6.88 1.04 -5.88
N GLY B 101 7.48 2.21 -6.01
CA GLY B 101 7.88 2.73 -7.30
C GLY B 101 6.76 3.48 -7.99
N LEU B 102 7.02 3.83 -9.25
CA LEU B 102 6.03 4.54 -10.03
C LEU B 102 4.99 3.57 -10.59
N SER B 103 3.89 4.13 -11.11
CA SER B 103 2.76 3.32 -11.53
C SER B 103 2.38 3.67 -12.98
N THR B 104 1.37 2.97 -13.48
CA THR B 104 0.88 3.28 -14.83
C THR B 104 0.25 4.67 -14.91
N GLU B 105 -0.15 5.26 -13.78
CA GLU B 105 -0.62 6.64 -13.82
C GLU B 105 0.51 7.59 -14.20
N HIS B 106 1.72 7.35 -13.69
CA HIS B 106 2.86 8.14 -14.13
C HIS B 106 3.17 7.88 -15.59
N LEU B 107 2.97 6.65 -16.05
CA LEU B 107 3.15 6.35 -17.47
C LEU B 107 2.17 7.14 -18.31
N THR B 108 0.89 7.19 -17.89
CA THR B 108 -0.10 8.00 -18.59
C THR B 108 0.34 9.46 -18.66
N ALA B 109 0.88 10.01 -17.56
CA ALA B 109 1.33 11.39 -17.58
C ALA B 109 2.49 11.59 -18.54
N LEU B 110 3.48 10.68 -18.53
CA LEU B 110 4.57 10.75 -19.49
C LEU B 110 4.05 10.64 -20.92
N ALA B 111 3.08 9.77 -21.14
CA ALA B 111 2.56 9.55 -22.49
C ALA B 111 1.90 10.80 -23.04
N HIS B 112 1.21 11.55 -22.19
CA HIS B 112 0.65 12.83 -22.59
C HIS B 112 1.76 13.83 -22.91
N LEU B 113 2.78 13.91 -22.04
CA LEU B 113 3.84 14.89 -22.21
C LEU B 113 4.67 14.61 -23.45
N TYR B 114 4.93 13.34 -23.75
CA TYR B 114 5.79 12.98 -24.86
C TYR B 114 5.02 12.44 -26.05
N ASN B 115 3.69 12.54 -26.02
CA ASN B 115 2.83 12.20 -27.15
C ASN B 115 3.13 10.81 -27.67
N PHE B 116 2.97 9.82 -26.80
CA PHE B 116 3.08 8.44 -27.23
C PHE B 116 1.97 7.62 -26.60
N GLN B 117 1.76 6.41 -27.13
CA GLN B 117 0.89 5.45 -26.48
C GLN B 117 1.69 4.17 -26.26
N ALA B 118 1.65 3.67 -25.04
CA ALA B 118 2.36 2.47 -24.65
C ALA B 118 1.41 1.28 -24.68
N THR B 119 1.88 0.17 -25.23
CA THR B 119 1.28 -1.12 -24.96
C THR B 119 2.03 -1.74 -23.80
N VAL B 120 1.32 -1.98 -22.71
CA VAL B 120 1.92 -2.52 -21.50
C VAL B 120 1.54 -3.99 -21.41
N TYR B 121 2.55 -4.85 -21.46
CA TYR B 121 2.35 -6.30 -21.43
C TYR B 121 2.50 -6.74 -19.99
N SER B 122 1.39 -7.03 -19.34
CA SER B 122 1.37 -7.38 -17.93
C SER B 122 1.03 -8.86 -17.77
N ASP B 123 1.01 -9.30 -16.50
CA ASP B 123 0.63 -10.67 -16.20
C ASP B 123 -0.78 -10.98 -16.66
N ARG B 124 -1.62 -9.96 -16.73
CA ARG B 124 -3.03 -10.10 -17.09
C ARG B 124 -3.29 -9.92 -18.57
N GLY B 125 -2.27 -9.61 -19.37
CA GLY B 125 -2.44 -9.35 -20.77
C GLY B 125 -2.06 -7.93 -21.15
N PRO B 126 -2.18 -7.61 -22.44
CA PRO B 126 -1.80 -6.27 -22.89
C PRO B 126 -2.86 -5.23 -22.55
N ALA B 127 -2.40 -4.01 -22.31
CA ALA B 127 -3.29 -2.87 -22.09
C ALA B 127 -2.65 -1.58 -22.59
N LEU B 128 -3.46 -0.70 -23.15
CA LEU B 128 -2.97 0.57 -23.68
C LEU B 128 -2.94 1.64 -22.60
N PHE B 129 -1.84 2.41 -22.57
CA PHE B 129 -1.72 3.58 -21.71
C PHE B 129 -1.19 4.76 -22.51
N GLY B 130 -1.86 5.90 -22.38
CA GLY B 130 -1.46 7.08 -23.11
C GLY B 130 -2.46 7.44 -24.18
N PRO B 131 -2.36 8.66 -24.71
CA PRO B 131 -3.37 9.14 -25.65
C PRO B 131 -3.33 8.40 -26.97
N SER B 132 -4.52 8.06 -27.48
CA SER B 132 -4.61 7.46 -28.81
C SER B 132 -4.39 8.49 -29.91
N ASP B 133 -4.54 9.78 -29.60
CA ASP B 133 -4.29 10.85 -30.57
C ASP B 133 -2.79 11.16 -30.60
N THR B 134 -2.02 10.15 -30.97
CA THR B 134 -0.57 10.21 -31.05
C THR B 134 -0.10 9.36 -32.21
N ILE B 135 1.16 9.54 -32.59
CA ILE B 135 1.83 8.70 -33.59
C ILE B 135 2.83 7.75 -32.93
N LYS B 136 3.64 8.28 -32.02
CA LYS B 136 4.70 7.48 -31.40
C LYS B 136 4.10 6.35 -30.56
N ARG B 137 4.71 5.17 -30.66
CA ARG B 137 4.24 3.98 -29.96
C ARG B 137 5.42 3.31 -29.27
N ILE B 138 5.20 2.82 -28.04
CA ILE B 138 6.24 2.08 -27.34
C ILE B 138 5.64 0.82 -26.74
N ASP B 139 6.53 -0.12 -26.40
CA ASP B 139 6.16 -1.38 -25.79
C ASP B 139 6.82 -1.47 -24.43
N ILE B 140 6.04 -1.84 -23.42
CA ILE B 140 6.53 -1.96 -22.05
C ILE B 140 6.03 -3.28 -21.47
N THR B 141 6.92 -3.99 -20.79
CA THR B 141 6.53 -5.15 -20.01
C THR B 141 6.36 -4.74 -18.56
N HIS B 142 5.35 -5.31 -17.91
CA HIS B 142 4.96 -4.91 -16.56
C HIS B 142 4.60 -6.15 -15.74
N THR B 143 5.05 -6.15 -14.51
CA THR B 143 4.67 -7.16 -13.52
C THR B 143 4.01 -6.44 -12.35
N THR B 144 2.95 -7.03 -11.81
CA THR B 144 2.25 -6.38 -10.71
C THR B 144 3.11 -6.37 -9.44
N GLY B 145 3.80 -7.47 -9.16
CA GLY B 145 4.65 -7.54 -7.99
C GLY B 145 3.87 -7.91 -6.74
N PRO B 146 3.79 -6.97 -5.78
CA PRO B 146 4.45 -5.67 -5.78
C PRO B 146 5.85 -5.73 -5.17
N PRO B 147 6.72 -4.74 -5.48
CA PRO B 147 6.46 -3.55 -6.30
C PRO B 147 6.35 -3.87 -7.78
N SER B 148 5.62 -3.04 -8.50
CA SER B 148 5.56 -3.16 -9.94
C SER B 148 6.93 -2.89 -10.55
N HIS B 149 7.30 -3.73 -11.51
CA HIS B 149 8.53 -3.50 -12.27
C HIS B 149 8.17 -3.40 -13.75
N PHE B 150 8.86 -2.49 -14.43
CA PHE B 150 8.67 -2.24 -15.84
C PHE B 150 9.97 -2.51 -16.60
N SER B 151 9.85 -3.09 -17.78
CA SER B 151 11.02 -3.28 -18.63
C SER B 151 10.66 -2.87 -20.06
N PRO B 152 11.61 -2.39 -20.83
CA PRO B 152 11.30 -1.97 -22.20
C PRO B 152 11.05 -3.16 -23.10
N GLY B 153 10.14 -2.97 -24.04
CA GLY B 153 9.89 -3.97 -25.06
C GLY B 153 8.71 -4.87 -24.71
N LYS B 154 8.55 -5.90 -25.54
CA LYS B 154 7.44 -6.83 -25.43
C LYS B 154 7.76 -8.06 -24.58
N ARG B 155 9.04 -8.27 -24.24
CA ARG B 155 9.43 -9.54 -23.65
C ARG B 155 10.72 -9.32 -22.87
N LEU B 156 10.77 -9.89 -21.66
CA LEU B 156 11.83 -9.77 -20.63
C LEU B 156 11.40 -8.79 -19.54
#